data_5DU4
#
_entry.id   5DU4
#
_cell.length_a   94.830
_cell.length_b   94.830
_cell.length_c   87.510
_cell.angle_alpha   90.00
_cell.angle_beta   90.00
_cell.angle_gamma   120.00
#
_symmetry.space_group_name_H-M   'H 3'
#
loop_
_entity.id
_entity.type
_entity.pdbx_description
1 polymer 'Probable enoyl-CoA hydratase echA6'
2 non-polymer (5R,7S)-5-(4-ethylphenyl)-N-(4-methoxybenzyl)-7-(trifluoromethyl)-4,5,6,7-tetrahydropyrazolo[1,5-a]pyrimidine-3-carboxamide
3 water water
#
_entity_poly.entity_id   1
_entity_poly.type   'polypeptide(L)'
_entity_poly.pdbx_seq_one_letter_code
;MGSSHHHHHHSSGLVPRGSHMIGITQAEAVLTIELQRPERRNALNSQLVEELTQAIRKAGDGSARAIVLTGQGTAFCAGA
DLSGDAFAADYPDRLIELHKAMDASPMPVVGAINGPAIGAGLQLAMQCDLRVVAPDAFFQFPTSKYGLALDNWSIRRLSS
LVGHGRARAMLLSAEKLTAEIALHTGMANRIGTLADAQAWAAEIARLAPLAIQHAKRVLNDDGAIEEAWPAHKELFDKAW
GSQDVIEAQVARMEKRPPKFQGA
;
_entity_poly.pdbx_strand_id   A
#
loop_
_chem_comp.id
_chem_comp.type
_chem_comp.name
_chem_comp.formula
5FF non-polymer (5R,7S)-5-(4-ethylphenyl)-N-(4-methoxybenzyl)-7-(trifluoromethyl)-4,5,6,7-tetrahydropyrazolo[1,5-a]pyrimidine-3-carboxamide 'C24 H25 F3 N4 O2'
#
# COMPACT_ATOMS: atom_id res chain seq x y z
N HIS A 20 6.41 -11.91 14.75
CA HIS A 20 5.23 -12.68 15.10
C HIS A 20 4.05 -12.40 14.17
N MET A 21 4.13 -11.31 13.40
CA MET A 21 3.03 -10.93 12.52
C MET A 21 3.39 -10.98 11.04
N ILE A 22 4.63 -11.35 10.73
CA ILE A 22 5.01 -11.63 9.34
C ILE A 22 5.74 -12.96 9.22
N GLY A 23 5.75 -13.49 8.00
CA GLY A 23 6.49 -14.71 7.69
C GLY A 23 7.46 -14.42 6.58
N ILE A 24 8.70 -14.89 6.74
CA ILE A 24 9.75 -14.63 5.76
C ILE A 24 10.33 -15.96 5.30
N THR A 25 10.26 -16.22 4.01
CA THR A 25 10.81 -17.43 3.44
C THR A 25 11.61 -17.06 2.20
N GLN A 26 12.43 -17.99 1.72
CA GLN A 26 13.24 -17.73 0.54
C GLN A 26 13.45 -18.99 -0.30
N ALA A 27 13.19 -18.88 -1.60
CA ALA A 27 13.52 -19.94 -2.54
C ALA A 27 14.55 -19.40 -3.51
N GLU A 28 15.74 -20.00 -3.49
CA GLU A 28 16.88 -19.52 -4.28
C GLU A 28 17.16 -18.04 -3.99
N ALA A 29 16.86 -17.18 -4.97
CA ALA A 29 17.15 -15.75 -4.85
C ALA A 29 15.90 -14.86 -4.76
N VAL A 30 14.76 -15.45 -4.42
CA VAL A 30 13.54 -14.67 -4.16
C VAL A 30 13.11 -14.78 -2.70
N LEU A 31 13.07 -13.64 -2.03
CA LEU A 31 12.62 -13.57 -0.64
C LEU A 31 11.16 -13.15 -0.62
N THR A 32 10.32 -13.97 0.02
CA THR A 32 8.89 -13.67 0.11
C THR A 32 8.57 -13.22 1.54
N ILE A 33 7.94 -12.05 1.64
CA ILE A 33 7.52 -11.50 2.91
C ILE A 33 6.00 -11.53 2.94
N GLU A 34 5.45 -12.21 3.95
CA GLU A 34 3.99 -12.38 4.04
C GLU A 34 3.45 -11.68 5.27
N LEU A 35 2.46 -10.79 5.08
CA LEU A 35 1.73 -10.22 6.21
C LEU A 35 0.88 -11.32 6.82
N GLN A 36 0.92 -11.46 8.14
CA GLN A 36 0.22 -12.54 8.80
C GLN A 36 -0.71 -12.06 9.91
N ARG A 37 -1.68 -11.24 9.53
CA ARG A 37 -2.73 -10.81 10.44
C ARG A 37 -4.11 -11.01 9.78
N PRO A 38 -4.39 -12.23 9.28
CA PRO A 38 -5.61 -12.44 8.50
C PRO A 38 -6.89 -12.25 9.33
N GLU A 39 -6.79 -12.39 10.66
CA GLU A 39 -7.94 -12.16 11.53
C GLU A 39 -8.45 -10.72 11.46
N ARG A 40 -7.65 -9.83 10.89
CA ARG A 40 -8.07 -8.45 10.66
C ARG A 40 -7.74 -8.03 9.23
N ARG A 41 -7.73 -9.03 8.34
CA ARG A 41 -7.49 -8.81 6.92
C ARG A 41 -6.19 -8.03 6.68
N ASN A 42 -5.19 -8.37 7.48
CA ASN A 42 -3.85 -7.79 7.36
C ASN A 42 -3.77 -6.28 7.51
N ALA A 43 -4.74 -5.71 8.20
CA ALA A 43 -4.73 -4.29 8.55
C ALA A 43 -3.47 -3.98 9.36
N LEU A 44 -2.84 -2.85 9.06
CA LEU A 44 -1.56 -2.51 9.69
C LEU A 44 -1.67 -2.02 11.14
N ASN A 45 -0.67 -2.35 11.93
CA ASN A 45 -0.44 -1.66 13.19
C ASN A 45 1.06 -1.40 13.38
N SER A 46 1.44 -0.83 14.51
CA SER A 46 2.83 -0.44 14.73
C SER A 46 3.79 -1.63 14.65
N GLN A 47 3.42 -2.74 15.26
CA GLN A 47 4.28 -3.93 15.26
C GLN A 47 4.44 -4.51 13.85
N LEU A 48 3.33 -4.66 13.13
CA LEU A 48 3.33 -5.17 11.76
C LEU A 48 4.19 -4.28 10.86
N VAL A 49 4.07 -2.96 11.03
CA VAL A 49 4.87 -2.01 10.27
C VAL A 49 6.36 -2.09 10.61
N GLU A 50 6.68 -2.16 11.91
CA GLU A 50 8.05 -2.30 12.37
C GLU A 50 8.69 -3.57 11.79
N GLU A 51 7.94 -4.68 11.87
CA GLU A 51 8.47 -5.96 11.40
C GLU A 51 8.70 -5.98 9.89
N LEU A 52 7.77 -5.39 9.14
CA LEU A 52 7.92 -5.26 7.70
C LEU A 52 9.16 -4.44 7.35
N THR A 53 9.37 -3.34 8.08
CA THR A 53 10.48 -2.44 7.79
C THR A 53 11.82 -3.13 7.99
N GLN A 54 11.94 -3.84 9.11
CA GLN A 54 13.14 -4.62 9.41
C GLN A 54 13.41 -5.68 8.33
N ALA A 55 12.35 -6.35 7.87
CA ALA A 55 12.50 -7.41 6.87
C ALA A 55 12.90 -6.87 5.51
N ILE A 56 12.40 -5.70 5.15
CA ILE A 56 12.79 -5.06 3.90
C ILE A 56 14.27 -4.67 3.92
N ARG A 57 14.69 -4.04 5.02
CA ARG A 57 16.09 -3.61 5.16
C ARG A 57 17.08 -4.75 5.15
N LYS A 58 16.69 -5.87 5.76
CA LYS A 58 17.54 -7.04 5.84
C LYS A 58 17.60 -7.83 4.55
N ALA A 59 16.59 -7.66 3.70
CA ALA A 59 16.35 -8.55 2.57
C ALA A 59 17.58 -8.85 1.68
N GLY A 60 18.60 -7.99 1.78
CA GLY A 60 19.87 -8.25 1.14
C GLY A 60 20.82 -9.05 2.02
N ASP A 61 20.29 -10.07 2.70
CA ASP A 61 21.11 -10.93 3.57
C ASP A 61 21.35 -12.41 3.18
N GLY A 62 21.25 -12.83 1.91
CA GLY A 62 20.99 -12.03 0.73
C GLY A 62 22.23 -11.91 -0.14
N SER A 63 22.45 -12.79 -1.14
CA SER A 63 21.61 -13.91 -1.59
C SER A 63 20.36 -13.56 -2.42
N ALA A 64 19.38 -12.91 -1.82
CA ALA A 64 18.18 -12.52 -2.56
C ALA A 64 18.44 -11.37 -3.54
N ARG A 65 17.73 -11.39 -4.66
CA ARG A 65 17.85 -10.35 -5.67
C ARG A 65 16.47 -9.80 -6.01
N ALA A 66 15.43 -10.39 -5.43
CA ALA A 66 14.09 -9.84 -5.56
C ALA A 66 13.24 -10.19 -4.34
N ILE A 67 12.24 -9.36 -4.07
CA ILE A 67 11.34 -9.57 -2.95
C ILE A 67 9.94 -9.75 -3.52
N VAL A 68 9.18 -10.67 -2.93
CA VAL A 68 7.74 -10.72 -3.17
C VAL A 68 7.01 -10.36 -1.88
N LEU A 69 6.13 -9.37 -1.94
CA LEU A 69 5.35 -8.96 -0.77
C LEU A 69 3.91 -9.39 -0.96
N THR A 70 3.34 -10.06 0.03
CA THR A 70 1.98 -10.60 -0.08
C THR A 70 1.29 -10.69 1.27
N GLY A 71 0.00 -10.95 1.26
CA GLY A 71 -0.73 -11.17 2.50
C GLY A 71 -1.36 -12.54 2.68
N GLN A 72 -1.44 -12.98 3.93
CA GLN A 72 -2.05 -14.26 4.26
C GLN A 72 -3.57 -14.21 4.18
N GLY A 73 -4.15 -15.20 3.51
CA GLY A 73 -5.59 -15.32 3.41
C GLY A 73 -6.25 -14.54 2.28
N THR A 74 -7.38 -13.92 2.62
CA THR A 74 -8.29 -13.38 1.62
C THR A 74 -7.94 -11.97 1.16
N ALA A 75 -7.27 -11.21 2.00
CA ALA A 75 -6.95 -9.81 1.69
C ALA A 75 -5.45 -9.56 1.64
N PHE A 76 -5.02 -8.62 0.80
CA PHE A 76 -3.64 -8.17 0.80
C PHE A 76 -3.40 -7.32 2.05
N CYS A 77 -4.17 -6.23 2.18
CA CYS A 77 -4.14 -5.39 3.37
C CYS A 77 -5.34 -4.43 3.32
N ALA A 78 -6.23 -4.55 4.30
CA ALA A 78 -7.51 -3.82 4.25
C ALA A 78 -7.47 -2.45 4.93
N GLY A 79 -6.29 -1.99 5.30
CA GLY A 79 -6.16 -0.67 5.88
C GLY A 79 -5.35 -0.67 7.16
N ALA A 80 -5.87 -0.01 8.18
CA ALA A 80 -5.19 0.07 9.47
C ALA A 80 -6.14 -0.32 10.60
N ASP A 81 -5.63 -1.10 11.56
CA ASP A 81 -6.39 -1.45 12.74
C ASP A 81 -5.46 -1.33 13.94
N LEU A 82 -5.53 -0.17 14.61
CA LEU A 82 -4.65 0.12 15.73
C LEU A 82 -5.29 -0.27 17.06
N SER A 83 -6.43 -0.94 17.00
CA SER A 83 -7.14 -1.37 18.20
C SER A 83 -6.29 -2.32 19.05
N GLY A 84 -6.15 -1.98 20.33
CA GLY A 84 -5.39 -2.80 21.25
C GLY A 84 -3.90 -2.73 21.03
N ASP A 85 -3.48 -1.87 20.10
CA ASP A 85 -2.07 -1.70 19.80
C ASP A 85 -1.46 -0.58 20.67
N ALA A 86 -0.44 -0.94 21.43
CA ALA A 86 0.15 -0.05 22.43
C ALA A 86 0.83 1.20 21.83
N PHE A 87 1.51 1.02 20.70
CA PHE A 87 2.29 2.11 20.14
C PHE A 87 1.55 2.88 19.04
N ALA A 88 0.24 3.02 19.19
CA ALA A 88 -0.60 3.66 18.18
C ALA A 88 -0.15 5.08 17.82
N ALA A 89 0.32 5.82 18.81
CA ALA A 89 0.78 7.19 18.58
C ALA A 89 2.00 7.24 17.66
N ASP A 90 2.75 6.14 17.64
CA ASP A 90 3.97 6.05 16.85
C ASP A 90 3.67 5.63 15.41
N TYR A 91 2.50 5.04 15.21
CA TYR A 91 2.17 4.40 13.93
C TYR A 91 2.38 5.26 12.67
N PRO A 92 1.91 6.53 12.67
CA PRO A 92 2.08 7.29 11.42
C PRO A 92 3.54 7.49 11.01
N ASP A 93 4.42 7.77 11.97
CA ASP A 93 5.83 7.97 11.67
C ASP A 93 6.52 6.67 11.28
N ARG A 94 6.19 5.58 11.98
CA ARG A 94 6.72 4.27 11.59
C ARG A 94 6.30 3.90 10.17
N LEU A 95 5.07 4.23 9.80
CA LEU A 95 4.57 3.93 8.46
C LEU A 95 5.36 4.68 7.39
N ILE A 96 5.68 5.94 7.66
CA ILE A 96 6.55 6.71 6.79
C ILE A 96 7.93 6.06 6.63
N GLU A 97 8.48 5.55 7.72
CA GLU A 97 9.77 4.86 7.68
C GLU A 97 9.73 3.58 6.84
N LEU A 98 8.61 2.87 6.86
CA LEU A 98 8.44 1.69 6.00
C LEU A 98 8.48 2.08 4.53
N HIS A 99 7.78 3.16 4.18
CA HIS A 99 7.80 3.60 2.79
C HIS A 99 9.20 4.05 2.35
N LYS A 100 9.90 4.76 3.23
CA LYS A 100 11.28 5.16 2.94
C LYS A 100 12.15 3.92 2.74
N ALA A 101 11.93 2.88 3.55
CA ALA A 101 12.73 1.67 3.45
C ALA A 101 12.51 0.97 2.11
N MET A 102 11.26 0.86 1.68
CA MET A 102 10.95 0.27 0.38
C MET A 102 11.53 1.10 -0.77
N ASP A 103 11.35 2.42 -0.69
CA ASP A 103 11.83 3.32 -1.73
C ASP A 103 13.36 3.27 -1.86
N ALA A 104 14.04 3.08 -0.73
CA ALA A 104 15.51 3.04 -0.72
C ALA A 104 16.10 1.67 -1.01
N SER A 105 15.26 0.62 -1.00
CA SER A 105 15.77 -0.73 -1.20
C SER A 105 16.28 -0.91 -2.62
N PRO A 106 17.49 -1.49 -2.76
CA PRO A 106 18.03 -1.75 -4.10
C PRO A 106 17.33 -2.92 -4.78
N MET A 107 16.51 -3.64 -4.02
CA MET A 107 15.84 -4.79 -4.59
C MET A 107 14.47 -4.41 -5.12
N PRO A 108 14.09 -5.05 -6.22
CA PRO A 108 12.75 -4.85 -6.77
C PRO A 108 11.73 -5.62 -5.95
N VAL A 109 10.65 -4.95 -5.57
CA VAL A 109 9.61 -5.58 -4.75
C VAL A 109 8.40 -5.85 -5.63
N VAL A 110 8.10 -7.13 -5.83
CA VAL A 110 6.92 -7.52 -6.59
C VAL A 110 5.79 -7.73 -5.60
N GLY A 111 4.76 -6.90 -5.68
CA GLY A 111 3.60 -7.10 -4.83
C GLY A 111 2.70 -8.16 -5.42
N ALA A 112 2.44 -9.21 -4.63
CA ALA A 112 1.46 -10.20 -5.01
C ALA A 112 0.17 -9.83 -4.30
N ILE A 113 -0.65 -9.03 -4.96
CA ILE A 113 -1.87 -8.48 -4.35
C ILE A 113 -2.97 -9.55 -4.39
N ASN A 114 -3.05 -10.33 -3.31
CA ASN A 114 -3.86 -11.54 -3.28
C ASN A 114 -5.36 -11.30 -3.01
N GLY A 115 -5.71 -10.07 -2.65
CA GLY A 115 -7.07 -9.73 -2.30
C GLY A 115 -7.14 -8.23 -2.10
N PRO A 116 -8.23 -7.74 -1.49
CA PRO A 116 -8.41 -6.28 -1.36
C PRO A 116 -7.22 -5.53 -0.77
N ALA A 117 -6.92 -4.39 -1.38
CA ALA A 117 -5.90 -3.46 -0.90
C ALA A 117 -6.56 -2.10 -0.71
N ILE A 118 -6.83 -1.75 0.54
CA ILE A 118 -7.65 -0.59 0.85
C ILE A 118 -6.90 0.34 1.77
N GLY A 119 -6.92 1.64 1.47
CA GLY A 119 -6.34 2.61 2.37
C GLY A 119 -4.83 2.45 2.48
N ALA A 120 -4.34 2.24 3.69
CA ALA A 120 -2.91 1.97 3.89
C ALA A 120 -2.45 0.77 3.07
N GLY A 121 -3.38 -0.15 2.80
CA GLY A 121 -3.05 -1.30 1.96
C GLY A 121 -2.85 -0.92 0.51
N LEU A 122 -3.59 0.08 0.06
CA LEU A 122 -3.41 0.56 -1.31
C LEU A 122 -2.09 1.31 -1.40
N GLN A 123 -1.79 2.14 -0.41
CA GLN A 123 -0.48 2.80 -0.36
C GLN A 123 0.66 1.78 -0.39
N LEU A 124 0.53 0.73 0.40
CA LEU A 124 1.58 -0.29 0.46
C LEU A 124 1.74 -0.96 -0.90
N ALA A 125 0.63 -1.28 -1.54
CA ALA A 125 0.69 -1.93 -2.86
C ALA A 125 1.35 -1.01 -3.90
N MET A 126 1.04 0.28 -3.82
CA MET A 126 1.62 1.22 -4.77
C MET A 126 3.13 1.44 -4.58
N GLN A 127 3.62 1.20 -3.35
CA GLN A 127 5.03 1.35 -3.05
C GLN A 127 5.84 0.13 -3.54
N CYS A 128 5.15 -0.94 -3.93
CA CYS A 128 5.84 -2.05 -4.55
C CYS A 128 6.35 -1.59 -5.91
N ASP A 129 7.33 -2.28 -6.46
CA ASP A 129 7.89 -1.88 -7.73
C ASP A 129 7.08 -2.39 -8.92
N LEU A 130 6.45 -3.55 -8.73
CA LEU A 130 5.62 -4.19 -9.76
C LEU A 130 4.47 -4.88 -9.03
N ARG A 131 3.39 -5.19 -9.74
CA ARG A 131 2.21 -5.79 -9.09
C ARG A 131 1.61 -6.91 -9.91
N VAL A 132 1.44 -8.08 -9.28
CA VAL A 132 0.67 -9.16 -9.86
C VAL A 132 -0.55 -9.29 -8.99
N VAL A 133 -1.73 -9.22 -9.61
CA VAL A 133 -2.97 -8.98 -8.87
C VAL A 133 -3.95 -10.14 -9.05
N ALA A 134 -4.44 -10.68 -7.94
CA ALA A 134 -5.39 -11.78 -8.00
C ALA A 134 -6.72 -11.34 -8.60
N PRO A 135 -7.38 -12.24 -9.36
CA PRO A 135 -8.64 -11.93 -10.04
C PRO A 135 -9.69 -11.27 -9.13
N ASP A 136 -9.69 -11.61 -7.84
CA ASP A 136 -10.74 -11.13 -6.94
C ASP A 136 -10.33 -9.94 -6.08
N ALA A 137 -9.12 -9.44 -6.30
CA ALA A 137 -8.65 -8.28 -5.54
C ALA A 137 -9.28 -7.01 -6.08
N PHE A 138 -9.42 -6.01 -5.22
CA PHE A 138 -9.71 -4.65 -5.70
C PHE A 138 -8.89 -3.65 -4.87
N PHE A 139 -8.81 -2.41 -5.34
CA PHE A 139 -8.07 -1.35 -4.67
C PHE A 139 -9.03 -0.20 -4.38
N GLN A 140 -8.85 0.47 -3.25
CA GLN A 140 -9.75 1.57 -2.92
C GLN A 140 -9.14 2.54 -1.90
N PHE A 141 -9.45 3.83 -2.07
CA PHE A 141 -9.24 4.83 -1.04
C PHE A 141 -10.63 5.31 -0.62
N PRO A 142 -11.13 4.79 0.50
CA PRO A 142 -12.46 5.21 0.98
C PRO A 142 -12.40 6.49 1.81
N THR A 143 -11.42 7.34 1.54
CA THR A 143 -11.18 8.56 2.33
C THR A 143 -12.41 9.47 2.38
N SER A 144 -13.15 9.56 1.27
CA SER A 144 -14.31 10.45 1.20
C SER A 144 -15.46 9.93 2.07
N LYS A 145 -15.40 8.64 2.39
CA LYS A 145 -16.41 8.05 3.28
C LYS A 145 -16.07 8.25 4.75
N TYR A 146 -14.77 8.43 5.03
CA TYR A 146 -14.28 8.59 6.39
C TYR A 146 -14.06 10.04 6.78
N GLY A 147 -14.02 10.93 5.79
CA GLY A 147 -13.82 12.35 6.05
C GLY A 147 -12.35 12.75 6.16
N LEU A 148 -11.46 11.85 5.75
CA LEU A 148 -10.03 12.03 5.96
C LEU A 148 -9.36 12.60 4.70
N ALA A 149 -8.04 12.80 4.77
CA ALA A 149 -7.29 13.37 3.66
C ALA A 149 -5.97 12.65 3.54
N LEU A 150 -5.45 12.56 2.32
CA LEU A 150 -4.24 11.80 2.03
C LEU A 150 -3.00 12.68 1.84
N ASP A 151 -1.83 12.06 1.98
CA ASP A 151 -0.58 12.73 1.65
C ASP A 151 -0.48 12.88 0.14
N ASN A 152 0.37 13.80 -0.33
CA ASN A 152 0.42 14.07 -1.78
C ASN A 152 0.94 12.91 -2.62
N TRP A 153 1.94 12.19 -2.12
CA TRP A 153 2.45 11.03 -2.87
C TRP A 153 1.36 10.01 -3.20
N SER A 154 0.48 9.74 -2.22
CA SER A 154 -0.59 8.76 -2.46
C SER A 154 -1.41 9.17 -3.66
N ILE A 155 -1.70 10.46 -3.74
CA ILE A 155 -2.50 11.01 -4.83
C ILE A 155 -1.75 11.01 -6.18
N ARG A 156 -0.49 11.46 -6.17
CA ARG A 156 0.34 11.47 -7.39
C ARG A 156 0.63 10.07 -7.90
N ARG A 157 1.03 9.16 -7.02
CA ARG A 157 1.35 7.82 -7.48
C ARG A 157 0.09 7.09 -7.99
N LEU A 158 -1.04 7.29 -7.32
CA LEU A 158 -2.30 6.76 -7.83
C LEU A 158 -2.61 7.30 -9.23
N SER A 159 -2.46 8.60 -9.41
CA SER A 159 -2.71 9.20 -10.72
C SER A 159 -1.82 8.62 -11.81
N SER A 160 -0.55 8.39 -11.47
CA SER A 160 0.38 7.80 -12.45
C SER A 160 -0.01 6.37 -12.80
N LEU A 161 -0.66 5.67 -11.87
CA LEU A 161 -0.95 4.24 -12.08
C LEU A 161 -2.32 3.93 -12.68
N VAL A 162 -3.33 4.75 -12.39
CA VAL A 162 -4.68 4.52 -12.94
C VAL A 162 -5.09 5.58 -13.95
N GLY A 163 -4.25 6.59 -14.09
CA GLY A 163 -4.56 7.75 -14.94
C GLY A 163 -5.29 8.81 -14.12
N HIS A 164 -5.11 10.07 -14.47
CA HIS A 164 -5.72 11.17 -13.72
C HIS A 164 -7.25 11.05 -13.60
N GLY A 165 -7.91 10.72 -14.71
CA GLY A 165 -9.37 10.66 -14.74
C GLY A 165 -9.94 9.66 -13.71
N ARG A 166 -9.43 8.44 -13.72
CA ARG A 166 -9.90 7.43 -12.78
C ARG A 166 -9.45 7.78 -11.36
N ALA A 167 -8.31 8.45 -11.24
CA ALA A 167 -7.86 8.85 -9.92
C ALA A 167 -8.84 9.85 -9.32
N ARG A 168 -9.40 10.73 -10.13
CA ARG A 168 -10.40 11.68 -9.63
C ARG A 168 -11.61 10.92 -9.05
N ALA A 169 -12.05 9.90 -9.76
CA ALA A 169 -13.20 9.11 -9.29
C ALA A 169 -12.87 8.35 -8.02
N MET A 170 -11.69 7.74 -7.96
CA MET A 170 -11.30 6.98 -6.78
C MET A 170 -11.22 7.86 -5.53
N LEU A 171 -10.73 9.09 -5.70
CA LEU A 171 -10.51 9.98 -4.55
C LEU A 171 -11.75 10.78 -4.18
N LEU A 172 -12.46 11.29 -5.19
CA LEU A 172 -13.62 12.14 -4.90
C LEU A 172 -14.88 11.35 -4.58
N SER A 173 -14.94 10.07 -4.98
CA SER A 173 -16.19 9.30 -4.82
C SER A 173 -16.00 7.89 -4.25
N ALA A 174 -14.78 7.61 -3.76
CA ALA A 174 -14.44 6.30 -3.16
C ALA A 174 -14.63 5.10 -4.11
N GLU A 175 -14.49 5.34 -5.41
CA GLU A 175 -14.70 4.31 -6.43
C GLU A 175 -13.67 3.20 -6.27
N LYS A 176 -14.13 1.95 -6.31
CA LYS A 176 -13.23 0.81 -6.27
C LYS A 176 -12.66 0.49 -7.65
N LEU A 177 -11.37 0.12 -7.68
CA LEU A 177 -10.69 -0.31 -8.89
C LEU A 177 -10.56 -1.83 -8.90
N THR A 178 -11.27 -2.48 -9.81
CA THR A 178 -11.25 -3.93 -9.93
C THR A 178 -9.92 -4.38 -10.52
N ALA A 179 -9.64 -5.68 -10.39
CA ALA A 179 -8.42 -6.25 -10.95
C ALA A 179 -8.38 -6.07 -12.47
N GLU A 180 -9.54 -6.23 -13.11
CA GLU A 180 -9.66 -6.07 -14.55
C GLU A 180 -9.23 -4.68 -14.99
N ILE A 181 -9.77 -3.66 -14.31
CA ILE A 181 -9.45 -2.28 -14.67
C ILE A 181 -8.02 -1.93 -14.26
N ALA A 182 -7.55 -2.55 -13.18
CA ALA A 182 -6.15 -2.40 -12.77
C ALA A 182 -5.20 -2.87 -13.87
N LEU A 183 -5.51 -3.99 -14.51
CA LEU A 183 -4.69 -4.47 -15.61
C LEU A 183 -4.83 -3.52 -16.79
N HIS A 184 -6.05 -3.02 -17.01
CA HIS A 184 -6.31 -2.06 -18.07
C HIS A 184 -5.38 -0.85 -17.95
N THR A 185 -5.27 -0.30 -16.75
CA THR A 185 -4.56 0.96 -16.57
C THR A 185 -3.07 0.81 -16.31
N GLY A 186 -2.65 -0.38 -15.91
CA GLY A 186 -1.26 -0.58 -15.56
C GLY A 186 -0.99 -0.63 -14.08
N MET A 187 -2.02 -0.44 -13.26
CA MET A 187 -1.87 -0.63 -11.81
C MET A 187 -1.46 -2.09 -11.56
N ALA A 188 -2.10 -3.00 -12.29
CA ALA A 188 -1.67 -4.40 -12.27
C ALA A 188 -0.77 -4.62 -13.48
N ASN A 189 0.44 -5.12 -13.25
CA ASN A 189 1.26 -5.49 -14.39
C ASN A 189 0.79 -6.82 -14.98
N ARG A 190 0.32 -7.70 -14.11
CA ARG A 190 -0.27 -8.98 -14.51
C ARG A 190 -1.41 -9.36 -13.57
N ILE A 191 -2.35 -10.15 -14.07
CA ILE A 191 -3.33 -10.82 -13.22
C ILE A 191 -2.79 -12.20 -12.95
N GLY A 192 -2.71 -12.59 -11.68
CA GLY A 192 -2.23 -13.91 -11.34
C GLY A 192 -2.14 -14.12 -9.86
N THR A 193 -1.57 -15.25 -9.46
CA THR A 193 -1.48 -15.65 -8.06
C THR A 193 -0.10 -15.39 -7.47
N LEU A 194 0.03 -15.65 -6.17
CA LEU A 194 1.31 -15.56 -5.49
C LEU A 194 2.38 -16.39 -6.21
N ALA A 195 2.02 -17.61 -6.61
CA ALA A 195 2.95 -18.47 -7.36
C ALA A 195 3.41 -17.79 -8.65
N ASP A 196 2.49 -17.17 -9.38
CA ASP A 196 2.83 -16.44 -10.59
C ASP A 196 3.81 -15.30 -10.28
N ALA A 197 3.57 -14.58 -9.20
CA ALA A 197 4.45 -13.47 -8.83
C ALA A 197 5.85 -13.98 -8.46
N GLN A 198 5.91 -15.07 -7.73
CA GLN A 198 7.19 -15.67 -7.36
C GLN A 198 7.98 -16.16 -8.59
N ALA A 199 7.27 -16.65 -9.59
CA ALA A 199 7.93 -17.10 -10.82
C ALA A 199 8.51 -15.91 -11.60
N TRP A 200 7.71 -14.86 -11.76
CA TRP A 200 8.18 -13.63 -12.37
C TRP A 200 9.38 -13.06 -11.61
N ALA A 201 9.28 -13.01 -10.28
CA ALA A 201 10.36 -12.49 -9.45
C ALA A 201 11.66 -13.29 -9.66
N ALA A 202 11.52 -14.60 -9.83
CA ALA A 202 12.68 -15.45 -10.10
C ALA A 202 13.42 -15.07 -11.38
N GLU A 203 12.66 -14.67 -12.41
CA GLU A 203 13.25 -14.20 -13.66
C GLU A 203 13.93 -12.86 -13.45
N ILE A 204 13.27 -11.99 -12.69
CA ILE A 204 13.81 -10.66 -12.43
C ILE A 204 15.11 -10.76 -11.63
N ALA A 205 15.20 -11.79 -10.78
CA ALA A 205 16.40 -12.01 -9.97
C ALA A 205 17.61 -12.41 -10.82
N ARG A 206 17.39 -12.74 -12.09
CA ARG A 206 18.49 -13.10 -12.99
C ARG A 206 19.01 -11.92 -13.82
N LEU A 207 18.33 -10.77 -13.72
CA LEU A 207 18.70 -9.57 -14.47
C LEU A 207 19.78 -8.78 -13.74
N ALA A 208 20.27 -7.70 -14.35
CA ALA A 208 21.43 -6.99 -13.80
C ALA A 208 21.01 -6.05 -12.66
N PRO A 209 21.50 -6.31 -11.45
CA PRO A 209 21.03 -5.49 -10.32
C PRO A 209 21.26 -3.99 -10.47
N LEU A 210 22.38 -3.54 -11.01
CA LEU A 210 22.61 -2.08 -11.06
C LEU A 210 21.70 -1.38 -12.05
N ALA A 211 21.30 -2.09 -13.11
CA ALA A 211 20.33 -1.56 -14.07
C ALA A 211 18.98 -1.35 -13.39
N ILE A 212 18.55 -2.36 -12.63
CA ILE A 212 17.28 -2.32 -11.91
C ILE A 212 17.31 -1.18 -10.87
N GLN A 213 18.43 -1.06 -10.16
CA GLN A 213 18.55 -0.02 -9.14
C GLN A 213 18.48 1.39 -9.73
N HIS A 214 19.17 1.61 -10.85
CA HIS A 214 19.05 2.91 -11.52
C HIS A 214 17.63 3.23 -11.97
N ALA A 215 16.99 2.28 -12.66
CA ALA A 215 15.65 2.52 -13.16
C ALA A 215 14.67 2.77 -12.02
N LYS A 216 14.80 2.01 -10.93
CA LYS A 216 13.89 2.19 -9.79
C LYS A 216 14.01 3.58 -9.18
N ARG A 217 15.24 4.04 -8.97
CA ARG A 217 15.47 5.38 -8.42
C ARG A 217 14.89 6.48 -9.32
N VAL A 218 15.20 6.44 -10.61
CA VAL A 218 14.65 7.44 -11.55
C VAL A 218 13.11 7.44 -11.59
N LEU A 219 12.52 6.25 -11.70
CA LEU A 219 11.06 6.10 -11.71
C LEU A 219 10.40 6.65 -10.44
N ASN A 220 10.94 6.30 -9.28
CA ASN A 220 10.38 6.84 -8.04
C ASN A 220 10.61 8.35 -7.93
N ASP A 221 11.55 8.88 -8.70
CA ASP A 221 11.85 10.31 -8.65
C ASP A 221 11.13 11.06 -9.79
N ASP A 222 9.94 10.58 -10.15
CA ASP A 222 9.14 11.22 -11.20
C ASP A 222 8.41 12.48 -10.72
N GLY A 223 8.52 12.74 -9.41
CA GLY A 223 7.85 13.88 -8.81
C GLY A 223 6.72 13.52 -7.87
N ALA A 224 6.37 12.23 -7.81
CA ALA A 224 5.29 11.78 -6.95
C ALA A 224 5.60 12.03 -5.48
N ILE A 225 6.88 11.95 -5.13
CA ILE A 225 7.33 12.25 -3.77
C ILE A 225 7.33 13.76 -3.63
N GLU A 226 6.18 14.31 -3.27
CA GLU A 226 5.96 15.75 -3.26
C GLU A 226 5.57 16.25 -1.87
N GLU A 227 6.23 17.31 -1.42
CA GLU A 227 5.83 17.98 -0.20
C GLU A 227 4.51 18.69 -0.44
N ALA A 228 3.55 18.48 0.46
CA ALA A 228 2.25 19.13 0.35
C ALA A 228 2.42 20.65 0.35
N TRP A 229 1.64 21.32 -0.50
CA TRP A 229 1.66 22.77 -0.55
C TRP A 229 0.95 23.33 0.70
N PRO A 230 1.26 24.58 1.08
CA PRO A 230 0.56 25.24 2.19
C PRO A 230 -0.97 25.08 2.17
N ALA A 231 -1.61 25.28 1.02
CA ALA A 231 -3.05 25.12 0.94
C ALA A 231 -3.49 23.67 1.17
N HIS A 232 -2.65 22.74 0.75
CA HIS A 232 -2.96 21.32 0.90
C HIS A 232 -2.93 20.94 2.39
N LYS A 233 -1.91 21.43 3.08
CA LYS A 233 -1.74 21.21 4.52
C LYS A 233 -2.88 21.82 5.32
N GLU A 234 -3.35 23.00 4.91
CA GLU A 234 -4.47 23.64 5.59
C GLU A 234 -5.73 22.77 5.47
N LEU A 235 -6.02 22.32 4.25
CA LEU A 235 -7.18 21.46 4.02
C LEU A 235 -7.04 20.10 4.68
N PHE A 236 -5.82 19.57 4.72
CA PHE A 236 -5.52 18.28 5.34
C PHE A 236 -5.83 18.35 6.83
N ASP A 237 -5.34 19.40 7.47
CA ASP A 237 -5.59 19.61 8.90
C ASP A 237 -7.07 19.83 9.22
N LYS A 238 -7.76 20.59 8.38
CA LYS A 238 -9.18 20.85 8.56
C LYS A 238 -9.98 19.55 8.54
N ALA A 239 -9.69 18.71 7.56
CA ALA A 239 -10.35 17.40 7.44
C ALA A 239 -10.05 16.50 8.66
N TRP A 240 -8.78 16.29 8.94
CA TRP A 240 -8.41 15.43 10.06
C TRP A 240 -8.93 15.89 11.43
N GLY A 241 -9.12 17.20 11.59
CA GLY A 241 -9.59 17.75 12.85
C GLY A 241 -11.10 17.93 12.92
N SER A 242 -11.81 17.53 11.87
CA SER A 242 -13.23 17.82 11.76
C SER A 242 -14.12 16.96 12.65
N GLN A 243 -15.34 17.43 12.87
CA GLN A 243 -16.38 16.66 13.55
C GLN A 243 -16.88 15.54 12.62
N ASP A 244 -16.82 15.79 11.32
CA ASP A 244 -17.28 14.81 10.33
C ASP A 244 -16.53 13.49 10.47
N VAL A 245 -15.24 13.57 10.79
CA VAL A 245 -14.44 12.36 11.00
C VAL A 245 -14.97 11.54 12.18
N ILE A 246 -15.39 12.23 13.24
CA ILE A 246 -15.96 11.58 14.42
C ILE A 246 -17.33 10.99 14.09
N GLU A 247 -18.14 11.76 13.38
CA GLU A 247 -19.46 11.32 12.93
C GLU A 247 -19.37 10.05 12.07
N ALA A 248 -18.38 9.99 11.18
CA ALA A 248 -18.22 8.81 10.32
C ALA A 248 -17.93 7.58 11.18
N GLN A 249 -17.17 7.76 12.27
CA GLN A 249 -16.84 6.67 13.17
C GLN A 249 -18.09 6.15 13.88
N VAL A 250 -18.83 7.06 14.49
CA VAL A 250 -20.00 6.70 15.28
C VAL A 250 -21.08 6.06 14.40
N ALA A 251 -21.27 6.62 13.21
CA ALA A 251 -22.23 6.06 12.27
C ALA A 251 -21.84 4.65 11.85
N ARG A 252 -20.54 4.39 11.70
CA ARG A 252 -20.04 3.05 11.37
C ARG A 252 -20.38 2.05 12.47
N MET A 253 -20.27 2.50 13.72
CA MET A 253 -20.52 1.63 14.86
C MET A 253 -22.02 1.38 15.03
N GLU A 254 -22.79 2.44 14.88
CA GLU A 254 -24.23 2.40 15.09
C GLU A 254 -25.00 1.86 13.88
N LYS A 255 -24.27 1.41 12.87
CA LYS A 255 -24.87 0.79 11.68
C LYS A 255 -25.89 1.71 11.03
N ARG A 256 -25.43 2.89 10.60
CA ARG A 256 -26.32 3.87 10.01
C ARG A 256 -25.52 4.78 9.07
N PRO A 257 -26.22 5.47 8.14
CA PRO A 257 -25.48 6.40 7.28
C PRO A 257 -25.04 7.61 8.08
N PRO A 258 -23.84 8.12 7.78
CA PRO A 258 -23.33 9.32 8.46
C PRO A 258 -24.05 10.56 7.95
N LYS A 259 -24.21 11.56 8.81
CA LYS A 259 -24.77 12.84 8.43
C LYS A 259 -23.67 13.89 8.51
N PHE A 260 -22.97 14.10 7.40
CA PHE A 260 -21.87 15.06 7.35
C PHE A 260 -22.34 16.52 7.31
N GLN A 261 -21.52 17.41 7.87
CA GLN A 261 -21.85 18.84 7.95
C GLN A 261 -20.83 19.72 7.26
N GLY A 262 -19.71 19.12 6.84
CA GLY A 262 -18.64 19.88 6.22
C GLY A 262 -17.82 20.64 7.24
N ALA A 263 -17.89 20.20 8.50
CA ALA A 263 -17.11 20.79 9.58
C ALA A 263 -16.70 19.71 10.56
C1 5FF B . 4.39 8.76 1.99
C2 5FF B . 3.82 7.54 2.73
C3 5FF B . 2.43 7.81 3.28
C5 5FF B . 3.43 10.09 3.73
F58 5FF B . 0.72 6.93 4.65
C13 5FF B . 1.95 6.71 4.23
F56 5FF B . 2.78 6.65 5.24
F57 5FF B . 1.96 5.57 3.56
C7 5FF B . 5.74 8.45 1.47
C8 5FF B . 6.84 8.41 2.31
C9 5FF B . 8.10 8.12 1.81
C10 5FF B . 8.27 7.84 0.46
C32 5FF B . 9.63 7.51 -0.10
C33 5FF B . 10.62 8.63 0.15
C11 5FF B . 7.17 7.87 -0.39
C12 5FF B . 5.91 8.17 0.11
N6 5FF B . 4.44 9.94 2.84
N4 5FF B . 2.55 9.14 3.92
N19 5FF B . 1.64 9.58 4.90
C18 5FF B . 1.99 10.84 5.28
C17 5FF B . 3.13 11.24 4.58
C20 5FF B . 3.92 12.50 4.60
O22 5FF B . 4.93 12.61 3.91
N21 5FF B . 3.48 13.48 5.39
C23 5FF B . 4.18 14.75 5.49
C24 5FF B . 4.97 14.71 6.77
C25 5FF B . 4.36 15.03 7.99
C26 5FF B . 5.08 14.99 9.17
C27 5FF B . 6.42 14.63 9.16
O30 5FF B . 7.13 14.60 10.34
C31 5FF B . 8.38 13.91 10.41
C28 5FF B . 7.04 14.31 7.95
C29 5FF B . 6.32 14.35 6.77
#